data_7G8R
#
_entry.id   7G8R
#
_cell.length_a   71.304
_cell.length_b   71.304
_cell.length_c   196.383
_cell.angle_alpha   90.000
_cell.angle_beta   90.000
_cell.angle_gamma   90.000
#
_symmetry.space_group_name_H-M   'P 43 21 2'
#
loop_
_entity.id
_entity.type
_entity.pdbx_description
1 polymer 'Transforming protein RhoA'
2 polymer 'Rho guanine nucleotide exchange factor 2'
3 non-polymer (2R,6S)-2,6-dimethyl-4-(3-methyl-1,2,4-thiadiazol-5-yl)morpholine
4 non-polymer 'DIMETHYL SULFOXIDE'
5 non-polymer 'FORMIC ACID'
6 water water
#
loop_
_entity_poly.entity_id
_entity_poly.type
_entity_poly.pdbx_seq_one_letter_code
_entity_poly.pdbx_strand_id
1 'polypeptide(L)'
;SMAAIRKKLVIVGDGACGKTCLLIVFSKDQFPEVYVPTVFENYVADIEVDGKQVELALWDTAGQEDYDRLRPLSYPDTDV
ILMCFSIDSPDSLENIPEKWTPEVKHFCPNVPIILVGNKKDLRNDEHTRRELAKMKQEPVKPEEGRDMANRIGAFGYMEC
SAKTKDGVREVFEMATRAALQARRG
;
A
2 'polypeptide(L)'
;SMEMDEKDFAADSWSLAVDSSFLQQHKKEVMKQQDVIYELIQTELHHVRTLKIMTRLFRTGMLEELHLEPGVVQGLFPCV
DELSDIHTRFLSQLLERRRQALCPGSTRNFVIHRLGDLLISQFSGPSAEQMCKTYSEFCSRHSKALKLYKELYARDKRFQ
QFIRKVTRPAVLKRHGVQECILLVTQRITKYPLLISRILQHSHGIEEERQDLTTALGLVKELLSNVDEGIYQLEKGARLQ
EIYNR
;
B
#
loop_
_chem_comp.id
_chem_comp.type
_chem_comp.name
_chem_comp.formula
DMS non-polymer 'DIMETHYL SULFOXIDE' 'C2 H6 O S'
FMT non-polymer 'FORMIC ACID' 'C H2 O2'
Z5Z non-polymer (2R,6S)-2,6-dimethyl-4-(3-methyl-1,2,4-thiadiazol-5-yl)morpholine 'C9 H15 N3 O S'
#
# COMPACT_ATOMS: atom_id res chain seq x y z
N ALA A 4 -23.15 -2.24 -10.44
CA ALA A 4 -22.36 -1.94 -9.23
C ALA A 4 -21.64 -0.61 -9.34
N ILE A 5 -21.87 0.28 -8.39
CA ILE A 5 -21.20 1.57 -8.37
C ILE A 5 -19.85 1.38 -7.64
N ARG A 6 -18.84 2.15 -8.03
CA ARG A 6 -17.52 2.05 -7.42
C ARG A 6 -17.38 3.12 -6.33
N LYS A 7 -16.87 2.71 -5.14
CA LYS A 7 -16.63 3.61 -4.02
C LYS A 7 -15.23 3.36 -3.49
N LYS A 8 -14.63 4.36 -2.84
CA LYS A 8 -13.27 4.24 -2.32
C LYS A 8 -13.26 4.43 -0.79
N LEU A 9 -12.57 3.51 -0.11
CA LEU A 9 -12.42 3.54 1.33
C LEU A 9 -10.93 3.68 1.65
N VAL A 10 -10.59 4.52 2.64
CA VAL A 10 -9.21 4.65 3.11
C VAL A 10 -9.21 4.49 4.63
N ILE A 11 -8.23 3.71 5.18
CA ILE A 11 -8.16 3.55 6.62
CA ILE A 11 -8.12 3.54 6.63
C ILE A 11 -6.95 4.34 7.12
N VAL A 12 -7.19 5.11 8.20
CA VAL A 12 -6.16 5.95 8.81
CA VAL A 12 -6.26 6.04 8.82
C VAL A 12 -6.07 5.63 10.30
N GLY A 13 -4.93 5.97 10.90
CA GLY A 13 -4.70 5.71 12.31
C GLY A 13 -3.22 5.50 12.59
N ASP A 14 -2.86 5.47 13.87
CA ASP A 14 -1.45 5.29 14.23
C ASP A 14 -0.88 3.94 13.74
N GLY A 15 0.46 3.85 13.67
CA GLY A 15 1.11 2.61 13.28
C GLY A 15 0.70 1.37 14.07
N ALA A 16 0.40 1.52 15.37
CA ALA A 16 0.01 0.34 16.19
C ALA A 16 -1.51 0.03 16.20
N CYS A 17 -2.30 0.61 15.30
CA CYS A 17 -3.75 0.51 15.42
C CYS A 17 -4.37 -0.76 14.84
N GLY A 18 -3.63 -1.56 14.05
CA GLY A 18 -4.19 -2.78 13.46
C GLY A 18 -4.92 -2.59 12.14
N LYS A 19 -4.74 -1.41 11.47
CA LYS A 19 -5.43 -1.18 10.21
CA LYS A 19 -5.42 -1.16 10.20
C LYS A 19 -5.05 -2.17 9.11
N THR A 20 -3.74 -2.52 9.01
CA THR A 20 -3.34 -3.45 7.94
C THR A 20 -3.98 -4.82 8.14
N CYS A 21 -3.94 -5.32 9.37
CA CYS A 21 -4.54 -6.62 9.68
CA CYS A 21 -4.52 -6.61 9.69
C CYS A 21 -6.02 -6.63 9.39
N LEU A 22 -6.71 -5.54 9.73
CA LEU A 22 -8.16 -5.45 9.49
C LEU A 22 -8.47 -5.60 7.96
N LEU A 23 -7.71 -4.88 7.11
CA LEU A 23 -7.93 -4.99 5.67
C LEU A 23 -7.63 -6.40 5.16
N ILE A 24 -6.54 -7.01 5.69
CA ILE A 24 -6.18 -8.38 5.24
C ILE A 24 -7.29 -9.37 5.59
N VAL A 25 -7.75 -9.34 6.83
CA VAL A 25 -8.77 -10.30 7.28
C VAL A 25 -10.08 -10.12 6.52
N PHE A 26 -10.49 -8.84 6.29
CA PHE A 26 -11.73 -8.64 5.54
C PHE A 26 -11.59 -9.16 4.08
N SER A 27 -10.47 -8.82 3.42
CA SER A 27 -10.30 -9.17 2.02
C SER A 27 -10.17 -10.66 1.77
N LYS A 28 -9.68 -11.41 2.77
CA LYS A 28 -9.59 -12.88 2.62
C LYS A 28 -10.77 -13.62 3.30
N ASP A 29 -11.59 -12.93 4.14
CA ASP A 29 -12.61 -13.50 5.01
C ASP A 29 -11.96 -14.60 5.88
N GLN A 30 -10.74 -14.32 6.37
CA GLN A 30 -9.97 -15.32 7.12
C GLN A 30 -8.80 -14.64 7.83
N PHE A 31 -8.48 -15.05 9.07
CA PHE A 31 -7.25 -14.58 9.70
C PHE A 31 -6.22 -15.63 9.20
N PRO A 32 -5.16 -15.21 8.49
CA PRO A 32 -4.22 -16.20 7.93
C PRO A 32 -3.69 -17.21 8.92
N GLU A 33 -3.74 -18.48 8.53
CA GLU A 33 -3.29 -19.56 9.41
C GLU A 33 -1.79 -19.85 9.30
N VAL A 34 -1.15 -19.46 8.19
CA VAL A 34 0.26 -19.78 7.99
C VAL A 34 1.16 -18.54 8.04
N TYR A 35 0.75 -17.47 7.33
CA TYR A 35 1.58 -16.28 7.29
C TYR A 35 0.73 -15.06 7.26
N VAL A 36 0.96 -14.12 8.19
CA VAL A 36 0.21 -12.88 8.17
C VAL A 36 1.03 -11.85 7.37
N PRO A 37 0.51 -11.34 6.24
CA PRO A 37 1.30 -10.37 5.46
C PRO A 37 1.71 -9.12 6.22
N THR A 38 2.90 -8.60 5.90
CA THR A 38 3.38 -7.38 6.50
C THR A 38 2.65 -6.16 5.92
N VAL A 39 2.37 -6.21 4.58
CA VAL A 39 1.76 -5.05 3.92
C VAL A 39 0.49 -5.45 3.16
N PHE A 40 -0.29 -4.42 2.78
CA PHE A 40 -1.51 -4.60 2.02
C PHE A 40 -1.38 -3.67 0.79
N GLU A 41 -1.59 -4.21 -0.43
CA GLU A 41 -1.41 -3.40 -1.66
C GLU A 41 -2.71 -2.60 -1.91
N ASN A 42 -3.74 -3.29 -2.40
CA ASN A 42 -5.10 -2.75 -2.50
C ASN A 42 -6.03 -3.96 -2.75
N TYR A 43 -7.33 -3.69 -2.83
CA TYR A 43 -8.27 -4.77 -3.08
C TYR A 43 -9.57 -4.11 -3.48
N VAL A 44 -10.38 -4.78 -4.29
CA VAL A 44 -11.69 -4.24 -4.65
C VAL A 44 -12.69 -5.28 -4.23
N ALA A 45 -13.45 -5.00 -3.14
CA ALA A 45 -14.41 -5.97 -2.62
C ALA A 45 -15.77 -5.85 -3.28
N ASP A 46 -16.44 -6.97 -3.57
CA ASP A 46 -17.83 -6.93 -4.08
C ASP A 46 -18.70 -7.06 -2.85
N ILE A 47 -19.48 -6.03 -2.56
CA ILE A 47 -20.32 -5.99 -1.36
CA ILE A 47 -20.34 -6.06 -1.39
C ILE A 47 -21.73 -5.64 -1.75
N GLU A 48 -22.72 -6.32 -1.18
CA GLU A 48 -24.11 -5.96 -1.41
CA GLU A 48 -24.11 -5.99 -1.42
C GLU A 48 -24.68 -5.61 -0.05
N VAL A 49 -25.12 -4.36 0.12
CA VAL A 49 -25.60 -3.93 1.41
C VAL A 49 -26.97 -3.33 1.23
N ASP A 50 -27.97 -3.85 1.94
CA ASP A 50 -29.34 -3.37 1.85
C ASP A 50 -29.86 -3.34 0.40
N GLY A 51 -29.51 -4.39 -0.36
CA GLY A 51 -29.96 -4.54 -1.74
C GLY A 51 -29.18 -3.78 -2.79
N LYS A 52 -28.13 -3.05 -2.38
CA LYS A 52 -27.33 -2.28 -3.35
C LYS A 52 -25.96 -2.89 -3.55
N GLN A 53 -25.56 -3.09 -4.84
CA GLN A 53 -24.27 -3.67 -5.15
CA GLN A 53 -24.27 -3.68 -5.16
C GLN A 53 -23.21 -2.61 -5.32
N VAL A 54 -22.08 -2.76 -4.61
CA VAL A 54 -20.99 -1.80 -4.69
C VAL A 54 -19.65 -2.52 -4.90
N GLU A 55 -18.74 -1.90 -5.68
CA GLU A 55 -17.35 -2.35 -5.78
C GLU A 55 -16.60 -1.37 -4.84
N LEU A 56 -16.10 -1.86 -3.72
CA LEU A 56 -15.48 -1.00 -2.71
C LEU A 56 -13.97 -1.16 -2.74
N ALA A 57 -13.27 -0.16 -3.27
CA ALA A 57 -11.81 -0.19 -3.33
C ALA A 57 -11.25 0.10 -1.95
N LEU A 58 -10.31 -0.72 -1.46
CA LEU A 58 -9.76 -0.57 -0.09
C LEU A 58 -8.27 -0.14 -0.14
N TRP A 59 -7.90 0.86 0.68
CA TRP A 59 -6.53 1.35 0.76
C TRP A 59 -6.10 1.52 2.20
N ASP A 60 -4.81 1.25 2.45
CA ASP A 60 -4.14 1.39 3.74
C ASP A 60 -3.19 2.62 3.67
N THR A 61 -3.01 3.32 4.80
CA THR A 61 -2.03 4.41 4.87
C THR A 61 -0.80 3.96 5.69
N ALA A 62 -0.69 2.67 6.06
CA ALA A 62 0.46 2.16 6.80
C ALA A 62 1.76 2.48 6.05
N GLY A 63 2.76 2.95 6.79
CA GLY A 63 4.04 3.35 6.23
C GLY A 63 4.09 4.83 5.90
N GLN A 64 2.92 5.50 5.79
CA GLN A 64 2.90 6.93 5.43
C GLN A 64 2.79 7.86 6.66
N GLU A 65 2.72 7.30 7.88
CA GLU A 65 2.47 8.13 9.06
C GLU A 65 3.51 9.23 9.31
N ASP A 66 4.78 9.00 8.90
CA ASP A 66 5.84 10.00 9.15
C ASP A 66 6.10 10.96 7.97
N TYR A 67 5.36 10.81 6.85
CA TYR A 67 5.61 11.52 5.59
C TYR A 67 4.41 12.39 5.22
N ASP A 68 4.42 13.65 5.70
CA ASP A 68 3.27 14.55 5.59
C ASP A 68 2.93 15.01 4.16
N ARG A 69 3.84 14.90 3.21
CA ARG A 69 3.54 15.25 1.81
C ARG A 69 3.18 14.02 0.97
N LEU A 70 3.66 12.83 1.37
CA LEU A 70 3.27 11.61 0.66
C LEU A 70 1.89 11.16 1.12
N ARG A 71 1.62 11.19 2.44
CA ARG A 71 0.37 10.64 2.97
C ARG A 71 -0.90 11.20 2.34
N PRO A 72 -1.01 12.53 2.15
CA PRO A 72 -2.26 13.06 1.56
C PRO A 72 -2.56 12.60 0.15
N LEU A 73 -1.55 12.05 -0.56
CA LEU A 73 -1.84 11.51 -1.90
C LEU A 73 -2.78 10.29 -1.87
N SER A 74 -2.96 9.68 -0.68
CA SER A 74 -3.89 8.57 -0.54
C SER A 74 -5.36 9.07 -0.51
N TYR A 75 -5.62 10.38 -0.18
CA TYR A 75 -6.99 10.84 0.05
C TYR A 75 -7.88 11.22 -1.16
N PRO A 76 -7.38 11.66 -2.34
CA PRO A 76 -8.32 12.09 -3.40
C PRO A 76 -9.49 11.16 -3.69
N ASP A 77 -10.69 11.75 -3.77
CA ASP A 77 -11.91 11.03 -4.12
C ASP A 77 -12.27 9.90 -3.19
N THR A 78 -11.87 10.01 -1.91
CA THR A 78 -12.29 9.01 -0.92
C THR A 78 -13.80 9.22 -0.64
N ASP A 79 -14.55 8.12 -0.50
CA ASP A 79 -16.00 8.17 -0.22
C ASP A 79 -16.32 7.83 1.25
N VAL A 80 -15.42 7.10 1.93
CA VAL A 80 -15.63 6.79 3.35
C VAL A 80 -14.27 6.61 4.00
N ILE A 81 -14.11 7.14 5.22
CA ILE A 81 -12.90 6.95 6.00
C ILE A 81 -13.14 6.02 7.19
N LEU A 82 -12.26 5.01 7.39
CA LEU A 82 -12.28 4.28 8.65
C LEU A 82 -11.12 4.89 9.47
N MET A 83 -11.42 5.44 10.63
CA MET A 83 -10.40 6.04 11.47
CA MET A 83 -10.44 6.08 11.51
C MET A 83 -10.23 5.11 12.66
N CYS A 84 -9.08 4.48 12.71
CA CYS A 84 -8.84 3.41 13.62
CA CYS A 84 -8.80 3.38 13.66
C CYS A 84 -7.95 3.74 14.82
N PHE A 85 -8.22 3.07 15.94
CA PHE A 85 -7.35 3.09 17.13
C PHE A 85 -7.39 1.67 17.69
N SER A 86 -6.40 1.28 18.54
CA SER A 86 -6.46 -0.06 19.14
CA SER A 86 -6.47 -0.06 19.13
C SER A 86 -6.97 0.06 20.57
N ILE A 87 -7.90 -0.83 20.96
CA ILE A 87 -8.47 -0.85 22.32
C ILE A 87 -7.38 -1.18 23.37
N ASP A 88 -6.28 -1.85 22.95
CA ASP A 88 -5.15 -2.10 23.86
C ASP A 88 -4.18 -0.89 23.92
N SER A 89 -4.55 0.26 23.35
CA SER A 89 -3.69 1.44 23.35
C SER A 89 -4.45 2.75 23.50
N PRO A 90 -4.65 3.19 24.75
CA PRO A 90 -5.26 4.52 24.96
C PRO A 90 -4.48 5.65 24.26
N ASP A 91 -3.14 5.49 24.05
CA ASP A 91 -2.33 6.48 23.33
C ASP A 91 -2.83 6.63 21.87
N SER A 92 -3.21 5.53 21.22
CA SER A 92 -3.72 5.61 19.84
C SER A 92 -5.06 6.36 19.78
N LEU A 93 -5.86 6.31 20.86
CA LEU A 93 -7.14 7.01 20.89
C LEU A 93 -6.91 8.52 21.13
N GLU A 94 -5.89 8.87 21.95
CA GLU A 94 -5.53 10.25 22.25
C GLU A 94 -5.10 11.05 20.99
N ASN A 95 -4.53 10.38 20.01
CA ASN A 95 -4.08 11.02 18.77
C ASN A 95 -5.19 11.23 17.74
N ILE A 96 -6.40 10.68 18.00
CA ILE A 96 -7.51 10.85 17.07
C ILE A 96 -7.99 12.32 16.93
N PRO A 97 -8.32 13.05 18.03
CA PRO A 97 -8.90 14.40 17.81
C PRO A 97 -7.90 15.46 17.41
N GLU A 98 -6.68 15.38 17.88
CA GLU A 98 -5.67 16.41 17.62
C GLU A 98 -4.90 16.28 16.31
N LYS A 99 -4.71 15.07 15.80
CA LYS A 99 -3.92 14.90 14.59
C LYS A 99 -4.74 14.36 13.42
N TRP A 100 -5.29 13.14 13.59
CA TRP A 100 -6.00 12.50 12.49
C TRP A 100 -7.27 13.20 12.05
N THR A 101 -8.09 13.66 13.01
CA THR A 101 -9.37 14.28 12.64
C THR A 101 -9.19 15.58 11.83
N PRO A 102 -8.37 16.57 12.28
CA PRO A 102 -8.21 17.79 11.46
C PRO A 102 -7.63 17.48 10.07
N GLU A 103 -6.75 16.44 9.95
CA GLU A 103 -6.17 16.15 8.65
C GLU A 103 -7.25 15.59 7.70
N VAL A 104 -8.03 14.63 8.18
CA VAL A 104 -9.06 14.01 7.34
C VAL A 104 -10.13 15.04 6.98
N LYS A 105 -10.49 15.93 7.93
CA LYS A 105 -11.52 16.94 7.61
C LYS A 105 -11.02 17.93 6.54
N HIS A 106 -9.71 18.20 6.52
CA HIS A 106 -9.12 19.10 5.56
C HIS A 106 -9.07 18.49 4.16
N PHE A 107 -8.50 17.27 4.04
CA PHE A 107 -8.33 16.64 2.73
C PHE A 107 -9.56 15.90 2.19
N CYS A 108 -10.52 15.54 3.08
CA CYS A 108 -11.75 14.80 2.71
C CYS A 108 -12.98 15.52 3.25
N PRO A 109 -13.20 16.78 2.83
CA PRO A 109 -14.34 17.51 3.39
C PRO A 109 -15.67 16.80 3.11
N ASN A 110 -16.51 16.71 4.15
CA ASN A 110 -17.85 16.13 4.03
C ASN A 110 -17.87 14.60 3.81
N VAL A 111 -16.73 13.94 3.95
CA VAL A 111 -16.68 12.49 3.78
C VAL A 111 -16.98 11.87 5.13
N PRO A 112 -17.91 10.88 5.22
CA PRO A 112 -18.21 10.29 6.52
C PRO A 112 -17.01 9.57 7.11
N ILE A 113 -16.83 9.69 8.43
CA ILE A 113 -15.76 9.04 9.18
C ILE A 113 -16.41 8.03 10.13
N ILE A 114 -15.96 6.79 10.11
CA ILE A 114 -16.42 5.82 11.10
C ILE A 114 -15.24 5.56 12.03
N LEU A 115 -15.41 5.83 13.34
CA LEU A 115 -14.32 5.59 14.29
C LEU A 115 -14.42 4.10 14.66
N VAL A 116 -13.31 3.35 14.51
CA VAL A 116 -13.30 1.90 14.75
C VAL A 116 -12.29 1.55 15.82
N GLY A 117 -12.78 0.90 16.88
CA GLY A 117 -11.91 0.38 17.92
C GLY A 117 -11.48 -1.03 17.52
N ASN A 118 -10.19 -1.22 17.18
CA ASN A 118 -9.64 -2.51 16.78
CA ASN A 118 -9.72 -2.55 16.79
C ASN A 118 -9.15 -3.34 17.98
N LYS A 119 -8.91 -4.65 17.78
CA LYS A 119 -8.35 -5.55 18.77
C LYS A 119 -9.23 -5.60 20.01
N LYS A 120 -10.56 -5.66 19.82
CA LYS A 120 -11.46 -5.66 20.98
C LYS A 120 -11.29 -6.90 21.86
N ASP A 121 -10.71 -7.99 21.30
CA ASP A 121 -10.41 -9.24 22.02
C ASP A 121 -9.41 -9.00 23.17
N LEU A 122 -8.63 -7.89 23.12
CA LEU A 122 -7.63 -7.61 24.16
C LEU A 122 -8.18 -6.84 25.38
N ARG A 123 -9.46 -6.43 25.32
CA ARG A 123 -10.09 -5.71 26.42
C ARG A 123 -10.07 -6.54 27.71
N ASN A 124 -10.24 -7.87 27.58
CA ASN A 124 -10.24 -8.78 28.71
C ASN A 124 -9.06 -9.78 28.65
N ASP A 125 -7.92 -9.32 28.12
CA ASP A 125 -6.71 -10.12 28.04
C ASP A 125 -5.82 -9.78 29.26
N GLU A 126 -5.48 -10.77 30.10
CA GLU A 126 -4.73 -10.49 31.33
C GLU A 126 -3.36 -9.89 31.08
N HIS A 127 -2.63 -10.38 30.08
CA HIS A 127 -1.32 -9.81 29.74
C HIS A 127 -1.43 -8.34 29.36
N THR A 128 -2.46 -7.97 28.57
CA THR A 128 -2.68 -6.59 28.18
C THR A 128 -2.97 -5.72 29.40
N ARG A 129 -3.84 -6.18 30.30
CA ARG A 129 -4.18 -5.39 31.47
C ARG A 129 -2.99 -5.19 32.40
N ARG A 130 -2.12 -6.20 32.51
CA ARG A 130 -0.94 -6.11 33.36
C ARG A 130 0.06 -5.11 32.77
N GLU A 131 0.30 -5.18 31.45
CA GLU A 131 1.24 -4.27 30.78
C GLU A 131 0.80 -2.81 30.84
N LEU A 132 -0.50 -2.54 30.58
CA LEU A 132 -1.01 -1.16 30.61
C LEU A 132 -1.00 -0.58 32.04
N ALA A 133 -1.24 -1.41 33.06
CA ALA A 133 -1.25 -0.96 34.46
C ALA A 133 0.10 -0.35 34.91
N LYS A 134 1.20 -0.77 34.28
CA LYS A 134 2.54 -0.24 34.59
C LYS A 134 2.67 1.25 34.17
N MET A 135 1.88 1.68 33.17
CA MET A 135 1.87 3.09 32.74
C MET A 135 0.63 3.84 33.25
N LYS A 136 -0.05 3.31 34.30
CA LYS A 136 -1.28 3.85 34.90
C LYS A 136 -2.41 3.90 33.85
N GLN A 137 -2.45 2.88 32.98
CA GLN A 137 -3.46 2.82 31.92
C GLN A 137 -4.34 1.54 32.03
N GLU A 138 -5.44 1.50 31.24
CA GLU A 138 -6.32 0.34 31.12
C GLU A 138 -6.87 0.27 29.68
N PRO A 139 -7.36 -0.88 29.19
CA PRO A 139 -7.88 -0.91 27.81
C PRO A 139 -9.03 0.10 27.65
N VAL A 140 -9.19 0.64 26.44
CA VAL A 140 -10.23 1.62 26.15
C VAL A 140 -11.61 1.03 26.44
N LYS A 141 -12.44 1.75 27.18
CA LYS A 141 -13.79 1.32 27.48
C LYS A 141 -14.71 1.65 26.28
N PRO A 142 -15.78 0.87 26.05
CA PRO A 142 -16.71 1.22 24.94
C PRO A 142 -17.25 2.65 25.02
N GLU A 143 -17.61 3.16 26.22
CA GLU A 143 -18.10 4.54 26.34
C GLU A 143 -17.04 5.56 25.99
N GLU A 144 -15.75 5.25 26.22
CA GLU A 144 -14.69 6.18 25.84
C GLU A 144 -14.59 6.26 24.31
N GLY A 145 -14.75 5.12 23.64
CA GLY A 145 -14.75 5.11 22.17
C GLY A 145 -15.95 5.89 21.63
N ARG A 146 -17.16 5.58 22.14
CA ARG A 146 -18.37 6.29 21.66
C ARG A 146 -18.25 7.81 21.89
N ASP A 147 -17.75 8.23 23.07
CA ASP A 147 -17.62 9.66 23.35
C ASP A 147 -16.66 10.34 22.41
N MET A 148 -15.56 9.63 22.05
CA MET A 148 -14.58 10.24 21.13
C MET A 148 -15.24 10.39 19.75
N ALA A 149 -15.95 9.33 19.31
CA ALA A 149 -16.62 9.36 18.02
C ALA A 149 -17.66 10.51 17.96
N ASN A 150 -18.37 10.73 19.09
CA ASN A 150 -19.38 11.78 19.14
C ASN A 150 -18.69 13.16 19.03
N ARG A 151 -17.60 13.36 19.80
CA ARG A 151 -16.86 14.63 19.84
C ARG A 151 -16.27 15.02 18.47
N ILE A 152 -15.73 14.02 17.76
CA ILE A 152 -15.08 14.32 16.48
C ILE A 152 -16.05 14.44 15.29
N GLY A 153 -17.36 14.27 15.50
CA GLY A 153 -18.31 14.39 14.40
C GLY A 153 -18.33 13.14 13.52
N ALA A 154 -17.98 11.98 14.11
CA ALA A 154 -17.97 10.74 13.32
C ALA A 154 -19.42 10.34 12.93
N PHE A 155 -19.55 9.67 11.79
CA PHE A 155 -20.82 9.10 11.33
C PHE A 155 -21.31 8.04 12.35
N GLY A 156 -20.37 7.31 12.94
CA GLY A 156 -20.71 6.32 13.95
C GLY A 156 -19.48 5.72 14.58
N TYR A 157 -19.70 4.85 15.56
CA TYR A 157 -18.61 4.18 16.29
C TYR A 157 -18.85 2.67 16.21
N MET A 158 -17.78 1.91 15.88
CA MET A 158 -17.89 0.45 15.81
C MET A 158 -16.65 -0.18 16.40
N GLU A 159 -16.75 -1.45 16.81
CA GLU A 159 -15.58 -2.17 17.33
C GLU A 159 -15.43 -3.49 16.57
N CYS A 160 -14.20 -4.03 16.54
CA CYS A 160 -13.99 -5.32 15.87
C CYS A 160 -12.76 -5.99 16.38
N SER A 161 -12.60 -7.28 16.00
CA SER A 161 -11.39 -8.04 16.30
C SER A 161 -10.94 -8.72 15.01
N ALA A 162 -9.82 -8.29 14.42
CA ALA A 162 -9.33 -8.98 13.21
C ALA A 162 -8.95 -10.44 13.56
N LYS A 163 -8.44 -10.68 14.78
CA LYS A 163 -8.01 -12.01 15.22
C LYS A 163 -9.11 -13.06 15.14
N THR A 164 -10.30 -12.74 15.67
CA THR A 164 -11.46 -13.66 15.68
C THR A 164 -12.46 -13.42 14.56
N LYS A 165 -12.28 -12.32 13.78
CA LYS A 165 -13.17 -11.83 12.70
C LYS A 165 -14.46 -11.18 13.23
N ASP A 166 -14.70 -11.18 14.55
CA ASP A 166 -15.94 -10.62 15.07
C ASP A 166 -16.06 -9.13 14.79
N GLY A 167 -17.15 -8.78 14.15
CA GLY A 167 -17.44 -7.39 13.85
C GLY A 167 -16.82 -6.87 12.57
N VAL A 168 -15.94 -7.64 11.91
CA VAL A 168 -15.25 -7.16 10.73
C VAL A 168 -16.18 -6.97 9.55
N ARG A 169 -17.02 -7.98 9.25
CA ARG A 169 -17.97 -7.83 8.14
C ARG A 169 -18.91 -6.61 8.35
N GLU A 170 -19.38 -6.45 9.59
CA GLU A 170 -20.30 -5.36 9.91
C GLU A 170 -19.65 -3.98 9.67
N VAL A 171 -18.34 -3.84 9.99
CA VAL A 171 -17.66 -2.56 9.77
C VAL A 171 -17.67 -2.19 8.28
N PHE A 172 -17.30 -3.17 7.40
CA PHE A 172 -17.21 -2.84 5.97
C PHE A 172 -18.59 -2.69 5.33
N GLU A 173 -19.61 -3.40 5.82
CA GLU A 173 -20.97 -3.23 5.28
C GLU A 173 -21.45 -1.80 5.67
N MET A 174 -21.20 -1.38 6.94
CA MET A 174 -21.61 -0.02 7.33
C MET A 174 -20.81 1.02 6.55
N ALA A 175 -19.49 0.80 6.35
CA ALA A 175 -18.71 1.75 5.56
C ALA A 175 -19.28 1.93 4.15
N THR A 176 -19.79 0.82 3.56
CA THR A 176 -20.40 0.86 2.25
C THR A 176 -21.69 1.69 2.25
N ARG A 177 -22.53 1.47 3.26
CA ARG A 177 -23.77 2.28 3.43
C ARG A 177 -23.41 3.78 3.58
N ALA A 178 -22.37 4.10 4.39
CA ALA A 178 -21.98 5.51 4.58
C ALA A 178 -21.49 6.11 3.26
N ALA A 179 -20.70 5.32 2.48
CA ALA A 179 -20.19 5.79 1.19
C ALA A 179 -21.31 6.08 0.16
N LEU A 180 -22.45 5.38 0.29
CA LEU A 180 -23.58 5.53 -0.63
C LEU A 180 -24.46 6.73 -0.30
N GLN A 181 -24.40 7.25 0.95
CA GLN A 181 -25.26 8.38 1.33
C GLN A 181 -24.90 9.68 0.60
N ALA A 182 -25.92 10.53 0.32
CA ALA A 182 -25.68 11.79 -0.38
C ALA A 182 -25.09 12.85 0.54
N SER B 1 3.40 -9.98 -15.74
CA SER B 1 4.49 -10.86 -15.30
CA SER B 1 4.51 -10.85 -15.32
C SER B 1 4.64 -12.08 -16.21
N MET B 2 5.83 -12.68 -16.24
CA MET B 2 6.04 -13.89 -17.03
C MET B 2 5.69 -15.10 -16.18
N GLU B 3 5.21 -16.18 -16.84
CA GLU B 3 4.68 -17.35 -16.16
C GLU B 3 5.65 -18.01 -15.18
N MET B 4 6.96 -18.06 -15.54
CA MET B 4 7.95 -18.67 -14.66
CA MET B 4 8.02 -18.63 -14.71
C MET B 4 7.98 -17.97 -13.30
N ASP B 5 7.98 -16.63 -13.29
CA ASP B 5 8.03 -15.91 -12.01
C ASP B 5 6.69 -15.94 -11.28
N GLU B 6 5.59 -15.89 -12.02
CA GLU B 6 4.24 -15.95 -11.38
C GLU B 6 4.09 -17.26 -10.62
N LYS B 7 4.52 -18.37 -11.25
CA LYS B 7 4.40 -19.67 -10.59
C LYS B 7 5.35 -19.73 -9.39
N ASP B 8 6.57 -19.20 -9.53
CA ASP B 8 7.52 -19.23 -8.40
C ASP B 8 7.00 -18.46 -7.19
N PHE B 9 6.15 -17.44 -7.42
CA PHE B 9 5.60 -16.63 -6.33
C PHE B 9 4.06 -16.79 -6.23
N ALA B 10 3.53 -17.93 -6.63
CA ALA B 10 2.06 -18.15 -6.57
C ALA B 10 1.61 -18.42 -5.13
N ALA B 11 2.45 -19.11 -4.32
CA ALA B 11 2.07 -19.49 -2.96
C ALA B 11 1.91 -18.29 -2.02
N ASP B 12 1.08 -18.44 -0.96
CA ASP B 12 0.90 -17.34 -0.02
C ASP B 12 2.16 -17.08 0.84
N SER B 13 3.12 -18.00 0.87
CA SER B 13 4.31 -17.80 1.69
C SER B 13 5.47 -18.66 1.16
N TRP B 14 6.70 -18.37 1.65
CA TRP B 14 7.85 -19.20 1.30
C TRP B 14 7.61 -20.62 1.85
N SER B 15 7.06 -20.74 3.09
CA SER B 15 6.85 -22.07 3.68
CA SER B 15 6.83 -22.06 3.69
C SER B 15 5.89 -22.94 2.86
N LEU B 16 4.99 -22.31 2.08
CA LEU B 16 4.05 -23.06 1.20
C LEU B 16 4.62 -23.19 -0.22
N ALA B 17 5.63 -22.34 -0.60
CA ALA B 17 6.28 -22.41 -1.93
C ALA B 17 7.28 -23.57 -2.03
N VAL B 18 8.07 -23.79 -0.98
CA VAL B 18 9.10 -24.84 -1.01
C VAL B 18 8.48 -26.23 -0.76
N ASP B 19 9.23 -27.30 -1.13
CA ASP B 19 8.75 -28.65 -0.85
C ASP B 19 8.68 -28.85 0.68
N SER B 20 7.66 -29.59 1.17
CA SER B 20 7.57 -29.79 2.63
C SER B 20 8.79 -30.52 3.20
N SER B 21 9.43 -31.43 2.41
CA SER B 21 10.62 -32.10 2.90
C SER B 21 11.81 -31.15 3.06
N PHE B 22 11.84 -30.03 2.29
CA PHE B 22 12.89 -29.03 2.40
C PHE B 22 12.56 -28.12 3.59
N LEU B 23 11.29 -27.71 3.74
CA LEU B 23 10.84 -26.85 4.84
C LEU B 23 11.22 -27.47 6.19
N GLN B 24 11.00 -28.78 6.34
CA GLN B 24 11.28 -29.44 7.62
C GLN B 24 12.75 -29.49 7.99
N GLN B 25 13.66 -29.17 7.05
CA GLN B 25 15.09 -29.12 7.36
C GLN B 25 15.53 -27.82 8.03
N HIS B 26 14.63 -26.81 8.16
CA HIS B 26 15.04 -25.52 8.71
C HIS B 26 14.41 -25.22 10.06
N LYS B 27 15.09 -24.40 10.83
CA LYS B 27 14.57 -23.93 12.10
C LYS B 27 13.46 -22.90 11.85
N LYS B 28 12.58 -22.73 12.85
CA LYS B 28 11.46 -21.81 12.80
C LYS B 28 11.94 -20.38 12.48
N GLU B 29 13.07 -19.95 13.07
CA GLU B 29 13.53 -18.56 12.84
C GLU B 29 13.90 -18.30 11.37
N VAL B 30 14.50 -19.32 10.72
CA VAL B 30 14.85 -19.24 9.30
C VAL B 30 13.59 -19.16 8.47
N MET B 31 12.57 -20.00 8.77
CA MET B 31 11.30 -19.96 8.04
CA MET B 31 11.29 -19.97 8.07
C MET B 31 10.68 -18.56 8.16
N LYS B 32 10.69 -17.96 9.40
CA LYS B 32 10.10 -16.62 9.56
C LYS B 32 10.83 -15.58 8.70
N GLN B 33 12.17 -15.63 8.70
CA GLN B 33 12.95 -14.68 7.89
C GLN B 33 12.60 -14.88 6.39
N GLN B 34 12.63 -16.14 5.93
CA GLN B 34 12.38 -16.40 4.51
C GLN B 34 10.97 -16.02 4.06
N ASP B 35 9.97 -16.19 4.94
CA ASP B 35 8.60 -15.80 4.57
C ASP B 35 8.54 -14.27 4.29
N VAL B 36 9.27 -13.45 5.10
CA VAL B 36 9.18 -11.99 4.85
C VAL B 36 9.98 -11.58 3.61
N ILE B 37 11.17 -12.24 3.38
CA ILE B 37 11.93 -11.92 2.16
C ILE B 37 11.09 -12.30 0.92
N TYR B 38 10.37 -13.43 1.01
CA TYR B 38 9.50 -13.88 -0.09
C TYR B 38 8.38 -12.83 -0.33
N GLU B 39 7.82 -12.25 0.74
CA GLU B 39 6.80 -11.20 0.55
C GLU B 39 7.41 -9.94 -0.09
N LEU B 40 8.66 -9.58 0.26
CA LEU B 40 9.27 -8.38 -0.37
C LEU B 40 9.41 -8.66 -1.92
N ILE B 41 9.90 -9.88 -2.27
CA ILE B 41 10.11 -10.17 -3.72
C ILE B 41 8.78 -10.30 -4.43
N GLN B 42 7.82 -11.01 -3.83
CA GLN B 42 6.49 -11.19 -4.44
C GLN B 42 5.84 -9.82 -4.68
N THR B 43 5.86 -8.92 -3.65
CA THR B 43 5.24 -7.59 -3.86
C THR B 43 6.03 -6.72 -4.87
N GLU B 44 7.36 -6.96 -4.98
CA GLU B 44 8.13 -6.21 -5.99
C GLU B 44 7.74 -6.72 -7.39
N LEU B 45 7.56 -8.06 -7.55
CA LEU B 45 7.10 -8.60 -8.85
C LEU B 45 5.75 -7.96 -9.24
N HIS B 46 4.82 -7.86 -8.28
CA HIS B 46 3.50 -7.27 -8.56
C HIS B 46 3.64 -5.77 -8.88
N HIS B 47 4.56 -5.07 -8.22
CA HIS B 47 4.77 -3.62 -8.47
C HIS B 47 5.30 -3.40 -9.90
N VAL B 48 6.24 -4.28 -10.33
CA VAL B 48 6.74 -4.16 -11.71
C VAL B 48 5.59 -4.47 -12.70
N ARG B 49 4.72 -5.42 -12.35
CA ARG B 49 3.56 -5.74 -13.19
C ARG B 49 2.59 -4.52 -13.28
N THR B 50 2.40 -3.78 -12.15
CA THR B 50 1.59 -2.56 -12.19
C THR B 50 2.18 -1.55 -13.18
N LEU B 51 3.53 -1.44 -13.17
CA LEU B 51 4.20 -0.49 -14.07
C LEU B 51 4.05 -0.97 -15.53
N LYS B 52 4.07 -2.30 -15.77
CA LYS B 52 3.89 -2.80 -17.14
C LYS B 52 2.45 -2.53 -17.61
N ILE B 53 1.44 -2.66 -16.72
CA ILE B 53 0.05 -2.29 -17.12
C ILE B 53 0.01 -0.80 -17.55
N MET B 54 0.64 0.06 -16.74
CA MET B 54 0.70 1.49 -17.09
C MET B 54 1.41 1.77 -18.41
N THR B 55 2.60 1.17 -18.63
CA THR B 55 3.34 1.46 -19.88
C THR B 55 2.75 0.78 -21.09
N ARG B 56 2.49 -0.52 -21.00
CA ARG B 56 2.06 -1.31 -22.15
C ARG B 56 0.57 -1.29 -22.45
N LEU B 57 -0.26 -1.51 -21.42
CA LEU B 57 -1.70 -1.58 -21.68
C LEU B 57 -2.27 -0.16 -21.86
N PHE B 58 -2.01 0.72 -20.90
CA PHE B 58 -2.62 2.06 -20.96
C PHE B 58 -1.89 3.03 -21.88
N ARG B 59 -0.65 3.38 -21.54
CA ARG B 59 0.08 4.42 -22.26
C ARG B 59 0.23 4.09 -23.75
N THR B 60 0.77 2.91 -24.06
CA THR B 60 0.99 2.54 -25.45
C THR B 60 -0.34 2.31 -26.18
N GLY B 61 -1.37 1.79 -25.48
CA GLY B 61 -2.68 1.62 -26.10
C GLY B 61 -3.28 2.96 -26.51
N MET B 62 -3.14 3.99 -25.64
CA MET B 62 -3.65 5.32 -25.97
C MET B 62 -2.91 5.93 -27.14
N LEU B 63 -1.59 5.71 -27.22
CA LEU B 63 -0.82 6.26 -28.35
C LEU B 63 -1.21 5.57 -29.65
N GLU B 64 -1.47 4.26 -29.61
CA GLU B 64 -1.77 3.50 -30.82
C GLU B 64 -3.22 3.52 -31.31
N GLU B 65 -4.22 3.75 -30.42
N GLU B 65 -4.19 3.36 -30.42
CA GLU B 65 -5.66 3.79 -30.77
CA GLU B 65 -5.58 3.21 -30.81
C GLU B 65 -6.34 5.18 -30.76
C GLU B 65 -6.37 4.51 -30.74
N LEU B 66 -5.94 6.06 -29.82
N LEU B 66 -5.92 5.46 -29.91
CA LEU B 66 -6.62 7.34 -29.66
CA LEU B 66 -6.58 6.75 -29.80
C LEU B 66 -5.93 8.53 -30.32
C LEU B 66 -5.82 7.87 -30.51
N HIS B 67 -6.65 9.67 -30.43
N HIS B 67 -4.53 7.64 -30.85
CA HIS B 67 -6.12 10.90 -31.02
CA HIS B 67 -3.63 8.62 -31.46
C HIS B 67 -6.02 11.98 -29.95
C HIS B 67 -3.58 9.89 -30.61
N LEU B 68 -5.28 11.70 -28.87
N LEU B 68 -3.58 9.72 -29.29
CA LEU B 68 -5.13 12.68 -27.79
CA LEU B 68 -3.54 10.86 -28.38
C LEU B 68 -4.20 13.83 -28.17
C LEU B 68 -2.17 11.53 -28.45
N GLU B 69 -4.41 15.01 -27.60
N GLU B 69 -2.17 12.84 -28.22
CA GLU B 69 -3.56 16.17 -27.89
CA GLU B 69 -0.98 13.66 -28.23
C GLU B 69 -2.14 15.94 -27.34
C GLU B 69 0.00 13.16 -27.17
N PRO B 70 -1.07 16.43 -28.02
N PRO B 70 1.29 13.00 -27.52
CA PRO B 70 0.30 16.20 -27.51
CA PRO B 70 2.26 12.52 -26.54
C PRO B 70 0.51 16.59 -26.05
C PRO B 70 2.28 13.30 -25.24
N GLY B 71 1.26 15.77 -25.31
N GLY B 71 2.12 14.62 -25.30
CA GLY B 71 1.51 16.03 -23.90
CA GLY B 71 2.08 15.46 -24.11
C GLY B 71 0.45 15.48 -22.95
C GLY B 71 0.92 15.13 -23.19
N VAL B 72 -0.68 15.02 -23.49
N VAL B 72 -0.27 14.85 -23.75
CA VAL B 72 -1.74 14.44 -22.67
CA VAL B 72 -1.46 14.49 -22.97
C VAL B 72 -1.31 13.06 -22.10
C VAL B 72 -1.20 13.17 -22.21
N VAL B 73 -0.71 12.18 -22.93
CA VAL B 73 -0.34 10.85 -22.42
C VAL B 73 0.79 10.93 -21.35
N GLN B 74 1.76 11.85 -21.56
CA GLN B 74 2.82 12.05 -20.59
CA GLN B 74 2.83 12.09 -20.61
C GLN B 74 2.25 12.62 -19.28
N GLY B 75 1.19 13.44 -19.38
CA GLY B 75 0.53 14.01 -18.21
C GLY B 75 -0.21 12.95 -17.40
N LEU B 76 -0.78 11.94 -18.10
CA LEU B 76 -1.50 10.88 -17.40
C LEU B 76 -0.52 9.90 -16.73
N PHE B 77 0.62 9.65 -17.38
CA PHE B 77 1.60 8.64 -16.91
C PHE B 77 2.99 9.25 -16.72
N PRO B 78 3.13 10.22 -15.80
CA PRO B 78 4.45 10.86 -15.62
C PRO B 78 5.51 9.86 -15.17
N CYS B 79 6.72 9.94 -15.73
CA CYS B 79 7.90 9.16 -15.28
C CYS B 79 7.77 7.65 -15.38
N VAL B 80 6.75 7.12 -16.05
CA VAL B 80 6.55 5.65 -16.02
CA VAL B 80 6.52 5.68 -16.03
C VAL B 80 7.70 4.84 -16.62
N ASP B 81 8.36 5.34 -17.69
CA ASP B 81 9.47 4.56 -18.25
C ASP B 81 10.65 4.53 -17.25
N GLU B 82 10.95 5.67 -16.59
CA GLU B 82 12.01 5.73 -15.61
CA GLU B 82 12.03 5.69 -15.62
C GLU B 82 11.71 4.81 -14.41
N LEU B 83 10.45 4.82 -13.94
CA LEU B 83 10.03 3.97 -12.80
C LEU B 83 10.17 2.49 -13.19
N SER B 84 9.77 2.17 -14.44
CA SER B 84 9.86 0.77 -14.92
C SER B 84 11.33 0.35 -14.95
N ASP B 85 12.23 1.22 -15.42
CA ASP B 85 13.66 0.85 -15.48
C ASP B 85 14.23 0.62 -14.07
N ILE B 86 13.90 1.52 -13.12
CA ILE B 86 14.41 1.37 -11.75
C ILE B 86 13.97 0.01 -11.13
N HIS B 87 12.66 -0.26 -11.19
CA HIS B 87 12.13 -1.44 -10.48
C HIS B 87 12.39 -2.72 -11.23
N THR B 88 12.42 -2.69 -12.58
CA THR B 88 12.71 -3.94 -13.32
C THR B 88 14.17 -4.37 -13.01
N ARG B 89 15.09 -3.40 -12.91
CA ARG B 89 16.46 -3.71 -12.55
C ARG B 89 16.54 -4.26 -11.13
N PHE B 90 15.83 -3.63 -10.15
CA PHE B 90 15.88 -4.12 -8.77
C PHE B 90 15.29 -5.54 -8.69
N LEU B 91 14.15 -5.75 -9.37
CA LEU B 91 13.51 -7.09 -9.37
C LEU B 91 14.47 -8.13 -9.97
N SER B 92 15.19 -7.73 -11.05
CA SER B 92 16.13 -8.65 -11.67
CA SER B 92 16.14 -8.66 -11.67
C SER B 92 17.20 -9.12 -10.67
N GLN B 93 17.69 -8.19 -9.84
CA GLN B 93 18.71 -8.53 -8.85
C GLN B 93 18.12 -9.44 -7.77
N LEU B 94 16.86 -9.14 -7.32
CA LEU B 94 16.27 -10.01 -6.29
C LEU B 94 16.07 -11.43 -6.83
N LEU B 95 15.53 -11.57 -8.07
CA LEU B 95 15.25 -12.88 -8.67
C LEU B 95 16.56 -13.63 -8.97
N GLU B 96 17.64 -12.89 -9.31
CA GLU B 96 18.93 -13.61 -9.55
C GLU B 96 19.51 -14.15 -8.22
N ARG B 97 19.31 -13.43 -7.11
CA ARG B 97 19.79 -13.89 -5.80
C ARG B 97 19.04 -15.19 -5.41
N ARG B 98 17.72 -15.21 -5.67
CA ARG B 98 16.93 -16.40 -5.41
C ARG B 98 17.40 -17.56 -6.31
N ARG B 99 17.57 -17.28 -7.62
CA ARG B 99 17.94 -18.34 -8.54
CA ARG B 99 17.98 -18.28 -8.59
C ARG B 99 19.30 -18.96 -8.19
N GLN B 100 20.30 -18.12 -7.83
CA GLN B 100 21.61 -18.66 -7.43
C GLN B 100 21.51 -19.52 -6.19
N ALA B 101 20.54 -19.22 -5.28
CA ALA B 101 20.39 -19.96 -4.02
C ALA B 101 19.65 -21.32 -4.20
N LEU B 102 19.04 -21.58 -5.38
CA LEU B 102 18.29 -22.83 -5.55
C LEU B 102 19.16 -24.06 -5.36
N CYS B 103 18.60 -25.11 -4.75
CA CYS B 103 19.34 -26.38 -4.66
C CYS B 103 19.40 -26.98 -6.05
N PRO B 104 20.50 -27.66 -6.38
CA PRO B 104 20.53 -28.38 -7.66
C PRO B 104 19.42 -29.41 -7.71
N GLY B 105 18.77 -29.49 -8.86
CA GLY B 105 17.64 -30.39 -9.03
C GLY B 105 16.31 -29.76 -8.64
N SER B 106 16.32 -28.51 -8.16
CA SER B 106 15.07 -27.87 -7.75
C SER B 106 14.88 -26.52 -8.42
N THR B 107 13.61 -26.18 -8.69
CA THR B 107 13.29 -24.84 -9.18
C THR B 107 12.49 -24.07 -8.09
N ARG B 108 12.35 -24.64 -6.85
CA ARG B 108 11.61 -23.95 -5.81
C ARG B 108 12.27 -23.88 -4.44
N ASN B 109 13.21 -24.79 -4.14
CA ASN B 109 13.83 -24.81 -2.81
C ASN B 109 15.10 -23.96 -2.73
N PHE B 110 15.05 -22.90 -1.91
CA PHE B 110 16.18 -21.98 -1.72
C PHE B 110 16.06 -21.28 -0.35
N VAL B 111 17.20 -20.75 0.12
CA VAL B 111 17.22 -19.86 1.29
C VAL B 111 18.09 -18.65 0.87
N ILE B 112 17.61 -17.43 1.09
CA ILE B 112 18.42 -16.23 0.83
C ILE B 112 18.98 -15.77 2.19
N HIS B 113 20.31 -15.85 2.34
CA HIS B 113 20.94 -15.46 3.61
C HIS B 113 21.51 -14.05 3.60
N ARG B 114 21.77 -13.45 2.40
N ARG B 114 21.80 -13.56 2.40
CA ARG B 114 22.49 -12.16 2.27
CA ARG B 114 22.40 -12.28 2.17
C ARG B 114 21.77 -11.00 1.58
C ARG B 114 21.43 -11.53 1.28
N LEU B 115 20.49 -10.82 1.88
N LEU B 115 20.66 -10.67 1.91
CA LEU B 115 19.71 -9.74 1.28
CA LEU B 115 19.74 -9.73 1.26
C LEU B 115 20.21 -8.32 1.61
C LEU B 115 20.20 -8.30 1.61
N GLY B 116 20.72 -8.09 2.82
CA GLY B 116 21.16 -6.77 3.25
C GLY B 116 22.04 -6.02 2.27
N ASP B 117 23.07 -6.70 1.73
CA ASP B 117 23.99 -6.05 0.80
CA ASP B 117 23.99 -6.05 0.80
C ASP B 117 23.30 -5.59 -0.47
N LEU B 118 22.33 -6.37 -0.94
CA LEU B 118 21.58 -6.04 -2.16
C LEU B 118 20.75 -4.78 -1.86
N LEU B 119 20.13 -4.71 -0.67
CA LEU B 119 19.31 -3.53 -0.33
C LEU B 119 20.19 -2.29 -0.14
N ILE B 120 21.40 -2.45 0.46
CA ILE B 120 22.29 -1.27 0.60
C ILE B 120 22.65 -0.74 -0.79
N SER B 121 22.96 -1.65 -1.72
CA SER B 121 23.32 -1.24 -3.08
CA SER B 121 23.31 -1.26 -3.09
C SER B 121 22.13 -0.51 -3.75
N GLN B 122 20.92 -1.08 -3.65
CA GLN B 122 19.76 -0.41 -4.26
C GLN B 122 19.51 1.00 -3.71
N PHE B 123 19.63 1.15 -2.39
CA PHE B 123 19.29 2.39 -1.72
C PHE B 123 20.49 3.30 -1.40
N SER B 124 21.57 3.17 -2.18
CA SER B 124 22.71 4.10 -2.07
C SER B 124 23.28 4.40 -3.47
N GLY B 125 24.18 5.39 -3.56
CA GLY B 125 24.82 5.73 -4.82
C GLY B 125 23.88 6.21 -5.91
N PRO B 126 24.28 6.07 -7.18
CA PRO B 126 23.44 6.59 -8.28
C PRO B 126 22.03 6.00 -8.37
N SER B 127 21.83 4.72 -7.97
CA SER B 127 20.47 4.17 -8.05
C SER B 127 19.56 4.89 -7.04
N ALA B 128 20.07 5.23 -5.83
CA ALA B 128 19.22 5.94 -4.85
C ALA B 128 18.95 7.37 -5.34
N GLU B 129 19.96 8.03 -5.95
CA GLU B 129 19.74 9.38 -6.48
C GLU B 129 18.67 9.36 -7.59
N GLN B 130 18.69 8.32 -8.44
CA GLN B 130 17.68 8.22 -9.51
CA GLN B 130 17.70 8.18 -9.51
C GLN B 130 16.31 7.94 -8.88
N MET B 131 16.23 7.07 -7.85
CA MET B 131 14.92 6.80 -7.20
C MET B 131 14.37 8.09 -6.58
N CYS B 132 15.25 8.85 -5.92
CA CYS B 132 14.82 10.10 -5.26
C CYS B 132 14.34 11.10 -6.31
N LYS B 133 15.11 11.26 -7.40
CA LYS B 133 14.70 12.25 -8.43
C LYS B 133 13.37 11.85 -9.09
N THR B 134 13.23 10.55 -9.40
CA THR B 134 12.04 10.07 -10.10
C THR B 134 10.78 10.11 -9.22
N TYR B 135 10.87 9.66 -7.95
CA TYR B 135 9.68 9.71 -7.09
C TYR B 135 9.32 11.16 -6.69
N SER B 136 10.34 12.05 -6.55
CA SER B 136 9.99 13.47 -6.21
C SER B 136 9.18 14.08 -7.40
N GLU B 137 9.57 13.71 -8.64
CA GLU B 137 8.85 14.21 -9.81
C GLU B 137 7.48 13.53 -9.96
N PHE B 138 7.43 12.18 -9.84
CA PHE B 138 6.18 11.45 -10.01
C PHE B 138 5.14 11.89 -8.95
N CYS B 139 5.54 11.90 -7.67
CA CYS B 139 4.59 12.21 -6.60
C CYS B 139 4.13 13.67 -6.67
N SER B 140 4.99 14.57 -7.22
CA SER B 140 4.54 15.97 -7.40
C SER B 140 3.57 16.15 -8.57
N ARG B 141 3.49 15.14 -9.47
CA ARG B 141 2.59 15.20 -10.63
C ARG B 141 1.35 14.29 -10.48
N HIS B 142 1.19 13.71 -9.28
CA HIS B 142 0.17 12.70 -8.99
C HIS B 142 -1.22 13.34 -9.08
N SER B 143 -1.46 14.49 -8.37
CA SER B 143 -2.77 15.15 -8.44
CA SER B 143 -2.76 15.13 -8.43
C SER B 143 -3.16 15.55 -9.85
N LYS B 144 -2.19 16.10 -10.60
CA LYS B 144 -2.41 16.57 -11.95
C LYS B 144 -2.80 15.38 -12.86
N ALA B 145 -2.14 14.22 -12.67
CA ALA B 145 -2.47 13.05 -13.50
C ALA B 145 -3.92 12.60 -13.24
N LEU B 146 -4.32 12.54 -11.95
CA LEU B 146 -5.69 12.10 -11.61
C LEU B 146 -6.74 13.05 -12.18
N LYS B 147 -6.46 14.37 -12.12
CA LYS B 147 -7.42 15.34 -12.64
C LYS B 147 -7.54 15.29 -14.15
N LEU B 148 -6.41 15.07 -14.85
CA LEU B 148 -6.42 14.95 -16.30
C LEU B 148 -7.21 13.71 -16.73
N TYR B 149 -7.03 12.60 -15.98
CA TYR B 149 -7.75 11.36 -16.28
C TYR B 149 -9.26 11.58 -16.13
N LYS B 150 -9.68 12.19 -15.01
CA LYS B 150 -11.10 12.40 -14.75
C LYS B 150 -11.74 13.28 -15.82
N GLU B 151 -11.03 14.32 -16.26
CA GLU B 151 -11.55 15.21 -17.29
CA GLU B 151 -11.55 15.22 -17.30
C GLU B 151 -11.74 14.46 -18.63
N LEU B 152 -10.75 13.70 -19.05
CA LEU B 152 -10.83 12.95 -20.31
C LEU B 152 -11.93 11.88 -20.26
N TYR B 153 -12.05 11.15 -19.14
CA TYR B 153 -13.05 10.09 -19.04
C TYR B 153 -14.47 10.70 -19.12
N ALA B 154 -14.67 11.89 -18.52
CA ALA B 154 -16.00 12.50 -18.53
C ALA B 154 -16.37 13.15 -19.85
N ARG B 155 -15.37 13.62 -20.62
CA ARG B 155 -15.67 14.38 -21.84
CA ARG B 155 -15.59 14.42 -21.84
C ARG B 155 -15.35 13.71 -23.18
N ASP B 156 -14.46 12.70 -23.23
CA ASP B 156 -14.10 12.06 -24.49
C ASP B 156 -14.65 10.63 -24.61
N LYS B 157 -15.62 10.43 -25.54
CA LYS B 157 -16.26 9.15 -25.76
C LYS B 157 -15.29 8.04 -26.13
N ARG B 158 -14.38 8.30 -27.08
CA ARG B 158 -13.43 7.27 -27.50
C ARG B 158 -12.47 6.90 -26.31
N PHE B 159 -12.13 7.87 -25.48
CA PHE B 159 -11.27 7.61 -24.29
C PHE B 159 -12.00 6.75 -23.27
N GLN B 160 -13.30 7.05 -23.02
CA GLN B 160 -14.13 6.27 -22.11
C GLN B 160 -14.25 4.83 -22.63
N GLN B 161 -14.51 4.66 -23.95
CA GLN B 161 -14.63 3.31 -24.52
C GLN B 161 -13.34 2.53 -24.38
N PHE B 162 -12.19 3.20 -24.64
CA PHE B 162 -10.89 2.54 -24.51
C PHE B 162 -10.67 2.04 -23.06
N ILE B 163 -10.90 2.92 -22.08
CA ILE B 163 -10.68 2.56 -20.67
C ILE B 163 -11.60 1.39 -20.27
N ARG B 164 -12.90 1.49 -20.60
CA ARG B 164 -13.83 0.44 -20.24
C ARG B 164 -13.44 -0.89 -20.92
N LYS B 165 -12.88 -0.84 -22.13
CA LYS B 165 -12.48 -2.03 -22.87
C LYS B 165 -11.30 -2.73 -22.21
N VAL B 166 -10.21 -1.98 -21.97
CA VAL B 166 -8.99 -2.63 -21.46
C VAL B 166 -9.06 -2.94 -19.98
N THR B 167 -9.99 -2.31 -19.21
CA THR B 167 -10.12 -2.64 -17.79
C THR B 167 -11.27 -3.61 -17.51
N ARG B 168 -11.98 -4.09 -18.53
CA ARG B 168 -13.06 -5.05 -18.34
C ARG B 168 -12.62 -6.41 -17.77
N PRO B 169 -11.48 -6.98 -18.22
CA PRO B 169 -11.10 -8.31 -17.72
C PRO B 169 -10.97 -8.36 -16.20
N ALA B 170 -11.34 -9.50 -15.59
CA ALA B 170 -11.27 -9.62 -14.12
C ALA B 170 -9.85 -9.42 -13.59
N VAL B 171 -8.82 -9.77 -14.38
CA VAL B 171 -7.44 -9.62 -13.89
C VAL B 171 -7.04 -8.15 -13.76
N LEU B 172 -7.82 -7.18 -14.32
CA LEU B 172 -7.55 -5.73 -14.16
C LEU B 172 -8.42 -5.11 -13.05
N LYS B 173 -9.15 -5.92 -12.27
CA LYS B 173 -10.09 -5.37 -11.28
C LYS B 173 -9.50 -4.35 -10.32
N ARG B 174 -8.25 -4.57 -9.88
CA ARG B 174 -7.57 -3.66 -8.93
C ARG B 174 -6.68 -2.60 -9.61
N HIS B 175 -6.63 -2.59 -10.96
CA HIS B 175 -5.67 -1.84 -11.71
C HIS B 175 -6.22 -0.87 -12.74
N GLY B 176 -7.26 -0.12 -12.40
CA GLY B 176 -7.64 1.02 -13.23
C GLY B 176 -6.53 2.09 -13.19
N VAL B 177 -6.66 3.15 -14.01
CA VAL B 177 -5.59 4.16 -14.10
C VAL B 177 -5.28 4.82 -12.74
N GLN B 178 -6.32 5.28 -12.06
CA GLN B 178 -6.09 5.97 -10.78
C GLN B 178 -5.51 5.02 -9.71
N GLU B 179 -5.98 3.78 -9.71
CA GLU B 179 -5.51 2.74 -8.80
C GLU B 179 -4.03 2.47 -9.05
N CYS B 180 -3.60 2.39 -10.32
CA CYS B 180 -2.17 2.18 -10.62
C CYS B 180 -1.33 3.32 -10.08
N ILE B 181 -1.79 4.58 -10.28
CA ILE B 181 -1.02 5.73 -9.82
C ILE B 181 -0.79 5.67 -8.29
N LEU B 182 -1.88 5.36 -7.53
CA LEU B 182 -1.71 5.33 -6.07
C LEU B 182 -0.91 4.08 -5.61
N LEU B 183 -1.03 2.95 -6.34
CA LEU B 183 -0.21 1.77 -6.00
C LEU B 183 1.29 2.12 -6.10
N VAL B 184 1.65 2.91 -7.14
CA VAL B 184 3.05 3.30 -7.35
C VAL B 184 3.51 4.29 -6.27
N THR B 185 2.71 5.33 -5.99
CA THR B 185 3.06 6.27 -4.93
C THR B 185 3.23 5.58 -3.57
N GLN B 186 2.37 4.57 -3.28
CA GLN B 186 2.45 3.91 -1.98
C GLN B 186 3.58 2.87 -1.91
N ARG B 187 4.16 2.48 -3.06
CA ARG B 187 5.18 1.39 -2.99
C ARG B 187 6.37 1.76 -2.09
N ILE B 188 6.88 2.98 -2.27
CA ILE B 188 8.11 3.37 -1.57
C ILE B 188 7.98 3.32 -0.05
N THR B 189 6.77 3.62 0.47
CA THR B 189 6.58 3.58 1.92
C THR B 189 6.30 2.15 2.44
N LYS B 190 6.22 1.12 1.55
CA LYS B 190 6.11 -0.25 2.05
C LYS B 190 7.50 -0.77 2.47
N TYR B 191 8.59 -0.26 1.85
CA TYR B 191 9.92 -0.83 2.07
C TYR B 191 10.36 -0.86 3.55
N PRO B 192 10.21 0.23 4.32
CA PRO B 192 10.68 0.17 5.72
C PRO B 192 9.95 -0.90 6.52
N LEU B 193 8.64 -1.09 6.29
CA LEU B 193 7.85 -2.07 7.02
CA LEU B 193 7.91 -2.09 7.07
C LEU B 193 8.40 -3.50 6.74
N LEU B 194 8.66 -3.80 5.46
CA LEU B 194 9.16 -5.11 5.08
C LEU B 194 10.59 -5.33 5.61
N ILE B 195 11.45 -4.33 5.43
CA ILE B 195 12.87 -4.45 5.88
C ILE B 195 12.96 -4.59 7.39
N SER B 196 12.13 -3.83 8.15
CA SER B 196 12.18 -3.95 9.60
CA SER B 196 12.20 -3.96 9.62
CA SER B 196 12.17 -3.96 9.61
C SER B 196 11.78 -5.36 10.05
N ARG B 197 10.76 -5.95 9.37
CA ARG B 197 10.34 -7.30 9.76
C ARG B 197 11.39 -8.35 9.36
N ILE B 198 12.06 -8.18 8.20
CA ILE B 198 13.15 -9.11 7.83
C ILE B 198 14.28 -8.99 8.89
N LEU B 199 14.61 -7.76 9.28
CA LEU B 199 15.67 -7.50 10.26
C LEU B 199 15.34 -8.19 11.61
N GLN B 200 14.07 -8.14 12.04
CA GLN B 200 13.62 -8.81 13.28
C GLN B 200 14.00 -10.30 13.32
N HIS B 201 14.04 -10.96 12.14
CA HIS B 201 14.35 -12.37 12.06
C HIS B 201 15.74 -12.64 11.45
N SER B 202 16.63 -11.63 11.48
CA SER B 202 17.96 -11.82 10.87
C SER B 202 19.10 -11.61 11.88
N HIS B 203 18.87 -11.93 13.15
CA HIS B 203 19.91 -11.73 14.17
C HIS B 203 20.98 -12.84 14.21
N GLY B 204 20.71 -13.96 13.56
CA GLY B 204 21.59 -15.13 13.59
C GLY B 204 23.00 -14.87 13.10
N ILE B 205 23.13 -14.01 12.08
CA ILE B 205 24.45 -13.64 11.55
CA ILE B 205 24.43 -13.65 11.53
C ILE B 205 24.59 -12.15 11.79
N GLU B 206 25.53 -11.76 12.66
CA GLU B 206 25.70 -10.34 12.99
C GLU B 206 25.99 -9.45 11.79
N GLU B 207 26.78 -9.95 10.79
CA GLU B 207 27.00 -9.11 9.61
C GLU B 207 25.68 -8.83 8.85
N GLU B 208 24.73 -9.77 8.90
CA GLU B 208 23.45 -9.58 8.20
C GLU B 208 22.58 -8.60 8.93
N ARG B 209 22.54 -8.71 10.27
CA ARG B 209 21.80 -7.76 11.10
C ARG B 209 22.34 -6.33 10.87
N GLN B 210 23.68 -6.18 10.83
CA GLN B 210 24.24 -4.85 10.59
C GLN B 210 23.89 -4.34 9.19
N ASP B 211 23.98 -5.21 8.15
CA ASP B 211 23.68 -4.75 6.78
C ASP B 211 22.21 -4.35 6.64
N LEU B 212 21.27 -5.10 7.24
CA LEU B 212 19.84 -4.71 7.12
C LEU B 212 19.57 -3.43 7.93
N THR B 213 20.31 -3.22 9.04
CA THR B 213 20.16 -1.98 9.81
C THR B 213 20.62 -0.80 8.96
N THR B 214 21.75 -0.95 8.24
CA THR B 214 22.21 0.10 7.35
C THR B 214 21.19 0.35 6.21
N ALA B 215 20.66 -0.72 5.61
CA ALA B 215 19.67 -0.57 4.51
C ALA B 215 18.42 0.14 5.00
N LEU B 216 17.94 -0.20 6.22
CA LEU B 216 16.72 0.45 6.72
C LEU B 216 16.95 1.97 6.85
N GLY B 217 18.13 2.35 7.34
CA GLY B 217 18.45 3.76 7.49
C GLY B 217 18.51 4.46 6.13
N LEU B 218 19.08 3.78 5.10
CA LEU B 218 19.18 4.38 3.77
C LEU B 218 17.78 4.57 3.17
N VAL B 219 16.90 3.59 3.36
CA VAL B 219 15.53 3.70 2.83
C VAL B 219 14.80 4.87 3.50
N LYS B 220 14.93 5.00 4.85
CA LYS B 220 14.24 6.13 5.51
C LYS B 220 14.84 7.48 5.06
N GLU B 221 16.16 7.54 4.76
CA GLU B 221 16.77 8.79 4.27
CA GLU B 221 16.76 8.80 4.28
C GLU B 221 16.16 9.13 2.91
N LEU B 222 16.01 8.11 2.02
CA LEU B 222 15.43 8.34 0.69
C LEU B 222 13.98 8.88 0.86
N LEU B 223 13.19 8.24 1.73
CA LEU B 223 11.80 8.66 1.92
C LEU B 223 11.70 10.10 2.44
N SER B 224 12.59 10.46 3.40
CA SER B 224 12.56 11.83 3.93
CA SER B 224 12.57 11.82 3.93
C SER B 224 12.92 12.84 2.83
N ASN B 225 13.89 12.50 1.97
CA ASN B 225 14.28 13.41 0.89
C ASN B 225 13.15 13.57 -0.13
N VAL B 226 12.49 12.46 -0.49
CA VAL B 226 11.38 12.53 -1.44
C VAL B 226 10.22 13.38 -0.83
N ASP B 227 9.85 13.08 0.44
CA ASP B 227 8.76 13.79 1.10
C ASP B 227 9.03 15.31 1.14
N GLU B 228 10.30 15.71 1.40
CA GLU B 228 10.63 17.15 1.42
C GLU B 228 10.69 17.78 0.01
N GLY B 229 10.81 16.96 -1.02
CA GLY B 229 10.92 17.45 -2.39
C GLY B 229 9.61 17.49 -3.16
N ILE B 230 8.46 17.24 -2.49
CA ILE B 230 7.17 17.24 -3.17
C ILE B 230 6.40 18.55 -3.01
N TYR B 231 5.81 19.02 -4.13
CA TYR B 231 4.91 20.18 -4.15
C TYR B 231 3.98 19.89 -5.31
N GLN B 232 2.65 19.72 -5.06
CA GLN B 232 1.75 19.35 -6.15
C GLN B 232 1.62 20.38 -7.23
N LEU B 233 1.84 19.93 -8.47
CA LEU B 233 1.65 20.74 -9.65
C LEU B 233 0.14 20.81 -9.92
N GLU B 234 -0.30 21.96 -10.42
CA GLU B 234 -1.72 22.12 -10.74
C GLU B 234 -1.84 22.83 -12.06
N LYS B 235 -2.63 22.26 -12.99
CA LYS B 235 -2.87 22.87 -14.29
C LYS B 235 -3.59 24.19 -14.06
N GLY B 236 -3.07 25.26 -14.64
CA GLY B 236 -3.68 26.56 -14.50
C GLY B 236 -3.30 27.35 -13.26
N ALA B 237 -2.48 26.77 -12.34
CA ALA B 237 -2.09 27.53 -11.14
C ALA B 237 -1.18 28.68 -11.59
N ARG B 238 -1.43 29.85 -11.05
CA ARG B 238 -0.69 31.03 -11.42
C ARG B 238 0.55 31.18 -10.57
N LEU B 239 1.56 31.88 -11.09
CA LEU B 239 2.80 32.12 -10.38
CA LEU B 239 2.80 32.09 -10.36
C LEU B 239 2.55 32.72 -8.98
N GLN B 240 1.59 33.65 -8.87
CA GLN B 240 1.29 34.27 -7.58
C GLN B 240 0.86 33.24 -6.54
N GLU B 241 0.06 32.22 -6.94
CA GLU B 241 -0.35 31.15 -6.02
C GLU B 241 0.86 30.33 -5.57
N ILE B 242 1.81 30.13 -6.48
CA ILE B 242 3.02 29.37 -6.19
C ILE B 242 3.93 30.13 -5.24
N TYR B 243 4.30 31.39 -5.57
CA TYR B 243 5.25 32.12 -4.70
C TYR B 243 4.61 32.53 -3.38
N ASN B 244 3.27 32.41 -3.22
CA ASN B 244 2.59 32.67 -1.94
C ASN B 244 2.33 31.36 -1.18
N ARG B 245 3.07 30.26 -1.50
CA ARG B 245 2.93 28.97 -0.81
C ARG B 245 3.32 29.18 0.66
N1 Z5Z C . -1.77 18.80 6.79
C4 Z5Z C . -4.42 20.96 8.92
C5 Z5Z C . -5.47 20.44 9.87
C6 Z5Z C . -2.17 19.97 6.34
C7 Z5Z C . -0.73 18.36 6.02
C8 Z5Z C . -0.10 17.04 6.26
N2 Z5Z C . -0.28 19.10 5.03
S Z5Z C . -1.20 20.49 4.99
N Z5Z C . -3.22 20.63 6.86
C2 Z5Z C . -3.70 21.91 6.31
C3 Z5Z C . -4.15 19.98 7.80
O Z5Z C . -4.92 22.19 8.37
C1 Z5Z C . -4.04 22.85 7.44
C Z5Z C . -4.76 24.08 6.95
S DMS D . -20.50 0.06 19.93
O DMS D . -20.75 1.12 21.01
C1 DMS D . -22.07 -0.71 19.60
C2 DMS D . -19.65 -1.31 20.72
C FMT E . -24.09 8.15 22.07
O1 FMT E . -24.94 7.65 21.32
O2 FMT E . -23.03 7.48 22.52
C FMT F . -10.19 -8.18 -5.50
O1 FMT F . -9.57 -7.14 -5.65
O2 FMT F . -9.79 -9.39 -6.04
C FMT G . -0.92 11.90 12.17
O1 FMT G . -0.43 12.16 13.27
O2 FMT G . -1.79 12.71 11.53
C FMT H . -8.00 19.76 -0.26
O1 FMT H . -7.82 20.83 0.30
O2 FMT H . -9.21 19.15 -0.43
C FMT I . -3.99 15.43 -1.45
O1 FMT I . -5.06 15.05 -0.99
O2 FMT I . -3.49 15.02 -2.64
S DMS J . 22.96 -24.48 -3.53
O DMS J . 23.00 -23.03 -4.08
C1 DMS J . 21.84 -24.47 -2.09
C2 DMS J . 24.53 -24.79 -2.62
S DMS K . 18.54 -15.51 10.70
O DMS K . 18.53 -15.26 12.20
C1 DMS K . 17.27 -16.77 10.46
C2 DMS K . 20.00 -16.52 10.29
S DMS L . -18.97 10.98 -23.08
O DMS L . -17.72 10.59 -22.31
C1 DMS L . -18.97 12.78 -23.31
C2 DMS L . -20.36 10.96 -21.90
S DMS M . 9.87 -25.24 11.38
O DMS M . 9.97 -25.78 9.98
C1 DMS M . 10.66 -26.47 12.46
C2 DMS M . 8.19 -25.52 11.98
C FMT N . 25.49 -16.56 5.56
O1 FMT N . 26.34 -15.94 4.98
O2 FMT N . 24.59 -15.99 6.40
C FMT O . 22.21 -15.38 -0.68
O1 FMT O . 21.87 -14.25 -0.46
O2 FMT O . 22.33 -16.30 0.26
C FMT P . 3.01 -8.93 11.45
O1 FMT P . 3.97 -8.17 11.35
O2 FMT P . 2.10 -9.15 10.46
C FMT Q . 10.30 1.27 10.37
O1 FMT Q . 11.09 0.94 11.27
O2 FMT Q . 9.36 0.44 9.83
C FMT R . 12.05 12.09 -13.83
O1 FMT R . 12.81 12.66 -13.05
O2 FMT R . 12.12 10.77 -14.08
C FMT S . 26.32 2.57 2.62
O1 FMT S . 26.00 3.45 3.42
O2 FMT S . 26.39 2.74 1.26
C FMT T . 2.49 22.39 -14.89
O1 FMT T . 2.18 21.23 -15.08
O2 FMT T . 2.91 22.87 -13.73
C FMT U . 24.50 -20.34 8.26
O1 FMT U . 24.14 -20.82 9.32
O2 FMT U . 24.13 -20.81 7.03
#